data_2EDC
#
_entry.id   2EDC
#
_cell.length_a   94.900
_cell.length_b   73.100
_cell.length_c   41.500
_cell.angle_alpha   90.00
_cell.angle_beta   90.00
_cell.angle_gamma   90.00
#
_symmetry.space_group_name_H-M   'P 21 21 2'
#
loop_
_entity.id
_entity.type
_entity.pdbx_description
1 polymer 'HALOALKANE DEHALOGENASE'
2 non-polymer 'IODIDE ION'
3 water water
#
_entity_poly.entity_id   1
_entity_poly.type   'polypeptide(L)'
_entity_poly.pdbx_seq_one_letter_code
;MINAIRTPDQRFSNLDQYPFSPNYLDDLPGYPGLRAHYLDEGNSDAEDVFLCLHGEPTWSYLYRKMIPVFAESGARVIAP
DFFGFGKSDKPVDEEDYTFEFHRNFLLALIERLDLRNITLVVQDWGGFLGLTLPMADPSRFKRLIIMNACLMTDPVTQPA
FSAFVTQPADGFTAWKYDLVTPSDLRLDQFMKRWAPTLTEAEASAYAAPFPDTSYQAGVRKFPKMVAQRDQACIDISTEA
ISFWQNDWNGQTFMAIGMKDKLLGPDVMYPMKALINGCPEPLEIADAGHFVQEFGEQVAREALKHFAETE
;
_entity_poly.pdbx_strand_id   A
#
loop_
_chem_comp.id
_chem_comp.type
_chem_comp.name
_chem_comp.formula
IOD non-polymer 'IODIDE ION' 'I -1'
#
# COMPACT_ATOMS: atom_id res chain seq x y z
N MET A 1 20.88 -8.00 14.01
CA MET A 1 20.29 -7.35 15.18
C MET A 1 18.78 -7.61 15.32
N ILE A 2 18.11 -7.53 14.15
CA ILE A 2 16.70 -7.80 13.96
C ILE A 2 16.69 -9.11 13.17
N ASN A 3 16.36 -10.18 13.85
CA ASN A 3 16.37 -11.51 13.24
C ASN A 3 15.40 -11.58 12.08
N ALA A 4 15.85 -11.86 10.86
CA ALA A 4 15.03 -11.93 9.66
C ALA A 4 15.42 -13.06 8.77
N ILE A 5 14.54 -13.38 7.84
CA ILE A 5 14.86 -14.44 6.94
C ILE A 5 14.58 -13.94 5.53
N ARG A 6 15.18 -14.63 4.55
CA ARG A 6 15.01 -14.18 3.21
C ARG A 6 14.39 -15.32 2.38
N THR A 7 13.44 -14.97 1.52
CA THR A 7 12.73 -15.93 0.65
C THR A 7 13.69 -16.38 -0.48
N PRO A 8 13.83 -17.69 -0.72
CA PRO A 8 14.68 -18.19 -1.77
C PRO A 8 14.22 -17.59 -3.07
N ASP A 9 15.19 -17.08 -3.80
CA ASP A 9 15.01 -16.44 -5.10
C ASP A 9 14.25 -17.39 -6.00
N GLN A 10 14.46 -18.68 -5.91
CA GLN A 10 13.76 -19.66 -6.74
C GLN A 10 12.25 -19.51 -6.71
N ARG A 11 11.68 -19.02 -5.59
CA ARG A 11 10.23 -18.87 -5.43
C ARG A 11 9.60 -17.92 -6.42
N PHE A 12 10.42 -17.06 -7.00
CA PHE A 12 9.93 -16.08 -7.95
C PHE A 12 10.23 -16.44 -9.39
N SER A 13 10.75 -17.61 -9.68
CA SER A 13 11.11 -17.95 -11.05
C SER A 13 10.01 -17.78 -12.09
N ASN A 14 8.85 -18.28 -11.74
CA ASN A 14 7.76 -18.38 -12.70
C ASN A 14 6.65 -17.33 -12.56
N LEU A 15 6.97 -16.16 -12.06
CA LEU A 15 5.96 -15.09 -11.92
C LEU A 15 5.34 -14.74 -13.26
N ASP A 16 4.02 -14.52 -13.23
CA ASP A 16 3.12 -14.15 -14.31
C ASP A 16 2.98 -12.63 -14.39
N GLN A 17 3.30 -12.06 -15.55
CA GLN A 17 3.21 -10.66 -15.79
C GLN A 17 4.03 -9.84 -14.81
N TYR A 18 5.23 -10.32 -14.48
CA TYR A 18 6.15 -9.62 -13.61
C TYR A 18 7.55 -9.57 -14.21
N PRO A 19 7.83 -8.79 -15.27
CA PRO A 19 9.16 -8.72 -15.86
C PRO A 19 10.09 -7.64 -15.34
N PHE A 20 9.75 -7.12 -14.15
CA PHE A 20 10.52 -6.04 -13.61
C PHE A 20 11.72 -6.58 -12.86
N SER A 21 12.88 -5.94 -13.07
CA SER A 21 14.16 -6.27 -12.48
C SER A 21 14.19 -5.74 -11.08
N PRO A 22 14.88 -6.51 -10.28
CA PRO A 22 14.98 -6.20 -8.87
C PRO A 22 16.05 -5.20 -8.62
N ASN A 23 15.80 -4.39 -7.57
CA ASN A 23 16.69 -3.36 -7.06
C ASN A 23 16.67 -3.57 -5.57
N TYR A 24 17.77 -3.53 -4.87
CA TYR A 24 17.79 -3.77 -3.45
C TYR A 24 18.60 -2.72 -2.74
N LEU A 25 18.37 -2.54 -1.45
CA LEU A 25 19.08 -1.60 -0.60
C LEU A 25 19.25 -2.35 0.70
N ASP A 26 20.46 -2.43 1.27
CA ASP A 26 20.63 -3.14 2.54
C ASP A 26 21.39 -2.25 3.51
N ASP A 27 21.38 -0.96 3.21
CA ASP A 27 22.07 0.05 3.99
C ASP A 27 21.16 1.20 4.40
N LEU A 28 19.97 0.82 4.91
CA LEU A 28 19.04 1.87 5.30
C LEU A 28 19.47 2.29 6.68
N PRO A 29 19.27 3.54 7.05
CA PRO A 29 19.64 3.98 8.40
C PRO A 29 18.49 3.58 9.33
N GLY A 30 18.74 2.69 10.29
CA GLY A 30 17.77 2.17 11.26
C GLY A 30 17.41 0.69 11.05
N TYR A 31 17.69 0.22 9.84
CA TYR A 31 17.45 -1.14 9.33
C TYR A 31 18.69 -1.90 8.83
N PRO A 32 19.72 -1.95 9.68
CA PRO A 32 21.01 -2.62 9.48
C PRO A 32 20.95 -4.12 9.18
N GLY A 33 21.51 -4.45 8.01
CA GLY A 33 21.56 -5.82 7.56
C GLY A 33 20.27 -6.34 6.92
N LEU A 34 19.17 -5.58 6.90
CA LEU A 34 17.88 -5.93 6.29
C LEU A 34 17.90 -5.38 4.86
N ARG A 35 17.61 -6.26 3.91
CA ARG A 35 17.56 -5.92 2.50
C ARG A 35 16.12 -5.73 2.06
N ALA A 36 15.87 -4.61 1.40
CA ALA A 36 14.60 -4.12 0.90
C ALA A 36 14.53 -4.28 -0.61
N HIS A 37 13.45 -4.76 -1.21
CA HIS A 37 13.40 -4.86 -2.67
C HIS A 37 12.43 -3.76 -3.18
N TYR A 38 12.79 -3.11 -4.30
CA TYR A 38 11.92 -2.08 -4.93
C TYR A 38 12.07 -2.17 -6.44
N LEU A 39 11.05 -1.73 -7.17
CA LEU A 39 11.04 -1.65 -8.62
C LEU A 39 11.30 -0.15 -8.88
N ASP A 40 12.06 0.11 -9.91
CA ASP A 40 12.42 1.47 -10.38
C ASP A 40 12.38 1.30 -11.87
N GLU A 41 11.23 1.67 -12.43
CA GLU A 41 10.84 1.59 -13.79
C GLU A 41 10.60 2.95 -14.45
N GLY A 42 10.84 3.01 -15.75
CA GLY A 42 10.76 4.21 -16.59
C GLY A 42 12.08 4.95 -16.48
N ASN A 43 12.13 6.16 -16.98
CA ASN A 43 13.25 7.09 -17.02
C ASN A 43 13.64 7.57 -15.65
N SER A 44 14.82 7.10 -15.21
CA SER A 44 15.28 7.46 -13.89
C SER A 44 15.65 8.89 -13.65
N ASP A 45 15.52 9.70 -14.69
CA ASP A 45 15.81 11.10 -14.70
C ASP A 45 14.52 11.88 -14.97
N ALA A 46 13.39 11.17 -14.89
CA ALA A 46 12.07 11.77 -15.10
C ALA A 46 11.83 12.82 -14.06
N GLU A 47 11.13 13.87 -14.40
CA GLU A 47 10.82 14.89 -13.44
C GLU A 47 9.82 14.38 -12.40
N ASP A 48 8.86 13.59 -12.86
CA ASP A 48 7.78 12.96 -12.11
C ASP A 48 8.10 11.54 -11.61
N VAL A 49 7.85 11.27 -10.33
CA VAL A 49 8.10 9.95 -9.77
C VAL A 49 6.78 9.45 -9.20
N PHE A 50 6.32 8.23 -9.51
CA PHE A 50 5.08 7.70 -8.92
C PHE A 50 5.51 6.77 -7.82
N LEU A 51 5.19 6.96 -6.57
CA LEU A 51 5.63 6.06 -5.50
C LEU A 51 4.42 5.19 -5.12
N CYS A 52 4.53 3.93 -5.52
CA CYS A 52 3.43 2.95 -5.38
C CYS A 52 3.55 2.02 -4.17
N LEU A 53 2.74 2.32 -3.14
CA LEU A 53 2.73 1.59 -1.88
C LEU A 53 1.65 0.54 -1.80
N HIS A 54 2.08 -0.68 -1.47
CA HIS A 54 1.18 -1.80 -1.34
C HIS A 54 0.62 -2.00 0.06
N GLY A 55 -0.31 -2.96 0.24
CA GLY A 55 -0.83 -3.13 1.59
C GLY A 55 -0.84 -4.59 2.00
N GLU A 56 -1.82 -5.00 2.84
CA GLU A 56 -1.95 -6.36 3.32
C GLU A 56 -2.76 -7.24 2.37
N PRO A 57 -2.34 -8.45 1.97
CA PRO A 57 -1.08 -9.09 2.33
C PRO A 57 -0.35 -9.22 1.00
N THR A 58 -0.22 -8.12 0.25
CA THR A 58 0.39 -8.16 -1.02
C THR A 58 1.86 -7.76 -1.15
N TRP A 59 2.27 -7.23 -2.32
CA TRP A 59 3.61 -6.83 -2.64
C TRP A 59 3.53 -6.00 -3.89
N SER A 60 4.67 -5.54 -4.38
CA SER A 60 4.70 -4.74 -5.59
C SER A 60 4.02 -5.42 -6.76
N TYR A 61 3.92 -6.73 -6.70
CA TYR A 61 3.29 -7.51 -7.75
C TYR A 61 1.91 -6.96 -8.00
N LEU A 62 1.38 -6.34 -6.96
CA LEU A 62 0.02 -5.80 -7.08
C LEU A 62 -0.11 -4.60 -8.02
N TYR A 63 0.99 -3.90 -8.30
CA TYR A 63 0.86 -2.73 -9.18
C TYR A 63 1.29 -3.10 -10.62
N ARG A 64 1.51 -4.39 -10.87
CA ARG A 64 1.96 -4.79 -12.19
C ARG A 64 1.20 -4.38 -13.42
N LYS A 65 -0.04 -3.90 -13.32
CA LYS A 65 -0.79 -3.49 -14.50
C LYS A 65 -0.81 -1.98 -14.58
N MET A 66 -0.40 -1.28 -13.51
CA MET A 66 -0.35 0.18 -13.44
C MET A 66 1.01 0.71 -13.84
N ILE A 67 2.03 -0.03 -13.38
CA ILE A 67 3.41 0.29 -13.63
C ILE A 67 3.74 0.78 -15.04
N PRO A 68 3.43 -0.01 -16.05
CA PRO A 68 3.70 0.29 -17.44
C PRO A 68 2.88 1.45 -17.92
N VAL A 69 1.70 1.72 -17.35
CA VAL A 69 1.00 2.88 -17.89
C VAL A 69 1.68 4.16 -17.46
N PHE A 70 2.19 4.13 -16.25
CA PHE A 70 2.85 5.30 -15.68
C PHE A 70 4.19 5.55 -16.36
N ALA A 71 4.89 4.46 -16.59
CA ALA A 71 6.21 4.50 -17.21
C ALA A 71 6.12 4.99 -18.66
N GLU A 72 5.10 4.55 -19.42
CA GLU A 72 4.89 4.96 -20.79
C GLU A 72 4.51 6.44 -20.90
N SER A 73 4.15 7.05 -19.79
CA SER A 73 3.79 8.44 -19.72
C SER A 73 5.01 9.36 -19.53
N GLY A 74 6.17 8.74 -19.33
CA GLY A 74 7.40 9.49 -19.13
C GLY A 74 7.80 9.60 -17.66
N ALA A 75 7.08 8.88 -16.78
CA ALA A 75 7.44 8.97 -15.40
C ALA A 75 8.37 7.86 -14.87
N ARG A 76 8.96 8.13 -13.71
CA ARG A 76 9.80 7.15 -13.05
C ARG A 76 8.87 6.54 -11.99
N VAL A 77 8.80 5.23 -11.96
CA VAL A 77 7.89 4.55 -11.03
C VAL A 77 8.65 3.83 -9.97
N ILE A 78 8.35 4.03 -8.70
CA ILE A 78 9.04 3.36 -7.61
C ILE A 78 7.99 2.54 -6.84
N ALA A 79 8.28 1.27 -6.61
CA ALA A 79 7.32 0.47 -5.93
C ALA A 79 8.08 -0.47 -5.06
N PRO A 80 8.17 -0.12 -3.78
CA PRO A 80 8.87 -0.96 -2.83
C PRO A 80 8.01 -2.03 -2.16
N ASP A 81 8.72 -3.09 -1.71
CA ASP A 81 8.08 -4.16 -0.99
C ASP A 81 8.42 -3.95 0.50
N PHE A 82 7.41 -3.82 1.34
CA PHE A 82 7.65 -3.62 2.80
C PHE A 82 8.38 -4.82 3.37
N PHE A 83 9.21 -4.55 4.38
CA PHE A 83 9.89 -5.65 5.08
C PHE A 83 8.80 -6.60 5.53
N GLY A 84 8.97 -7.88 5.29
CA GLY A 84 7.95 -8.85 5.68
C GLY A 84 7.18 -9.29 4.44
N PHE A 85 7.40 -8.61 3.26
CA PHE A 85 6.65 -8.92 2.07
C PHE A 85 7.45 -9.01 0.78
N GLY A 86 6.82 -9.50 -0.28
CA GLY A 86 7.51 -9.62 -1.55
C GLY A 86 8.92 -10.20 -1.49
N LYS A 87 9.85 -9.42 -2.05
CA LYS A 87 11.25 -9.81 -2.06
C LYS A 87 12.07 -9.17 -0.96
N SER A 88 11.53 -8.32 -0.08
CA SER A 88 12.33 -7.77 0.98
C SER A 88 12.48 -8.87 2.04
N ASP A 89 13.41 -8.67 2.94
CA ASP A 89 13.64 -9.63 4.03
C ASP A 89 12.49 -9.56 5.03
N LYS A 90 12.24 -10.64 5.74
CA LYS A 90 11.13 -10.67 6.69
C LYS A 90 11.48 -10.93 8.13
N PRO A 91 11.42 -9.94 9.02
CA PRO A 91 11.72 -10.16 10.40
C PRO A 91 10.78 -11.27 10.83
N VAL A 92 11.36 -12.13 11.69
CA VAL A 92 10.68 -13.30 12.20
C VAL A 92 9.72 -13.15 13.36
N ASP A 93 9.83 -12.10 14.15
CA ASP A 93 8.99 -11.83 15.33
C ASP A 93 7.89 -10.79 15.05
N GLU A 94 6.62 -11.08 15.32
CA GLU A 94 5.58 -10.11 15.07
C GLU A 94 5.79 -8.86 15.85
N GLU A 95 6.52 -8.93 16.94
CA GLU A 95 6.78 -7.75 17.76
C GLU A 95 7.64 -6.68 17.10
N ASP A 96 8.41 -6.97 16.05
CA ASP A 96 9.30 -6.07 15.34
C ASP A 96 8.59 -5.15 14.42
N TYR A 97 7.38 -5.55 14.10
CA TYR A 97 6.61 -4.75 13.20
C TYR A 97 5.70 -3.84 13.97
N THR A 98 5.81 -2.58 13.70
CA THR A 98 5.01 -1.53 14.30
C THR A 98 4.64 -0.52 13.23
N PHE A 99 3.78 0.45 13.51
CA PHE A 99 3.39 1.45 12.54
C PHE A 99 4.61 2.28 12.15
N GLU A 100 5.38 2.66 13.16
CA GLU A 100 6.56 3.50 12.97
C GLU A 100 7.70 2.76 12.25
N PHE A 101 7.87 1.49 12.58
CA PHE A 101 8.91 0.66 11.93
C PHE A 101 8.69 0.65 10.40
N HIS A 102 7.44 0.62 9.93
CA HIS A 102 7.21 0.61 8.50
C HIS A 102 7.19 2.06 8.03
N ARG A 103 6.81 2.98 8.91
CA ARG A 103 6.72 4.37 8.47
C ARG A 103 8.09 4.98 8.18
N ASN A 104 8.97 4.63 9.11
CA ASN A 104 10.36 5.07 9.07
C ASN A 104 11.14 4.49 7.91
N PHE A 105 10.79 3.28 7.55
CA PHE A 105 11.42 2.61 6.42
C PHE A 105 11.16 3.39 5.13
N LEU A 106 9.99 4.02 5.13
CA LEU A 106 9.48 4.77 3.97
C LEU A 106 10.12 6.12 3.81
N LEU A 107 10.39 6.79 4.92
CA LEU A 107 11.02 8.07 4.98
C LEU A 107 12.48 7.86 4.64
N ALA A 108 13.04 6.77 5.12
CA ALA A 108 14.39 6.37 4.88
C ALA A 108 14.64 6.13 3.40
N LEU A 109 13.71 5.43 2.74
CA LEU A 109 13.69 5.09 1.33
C LEU A 109 13.63 6.38 0.51
N ILE A 110 12.68 7.27 0.84
CA ILE A 110 12.55 8.53 0.14
C ILE A 110 13.86 9.33 0.30
N GLU A 111 14.44 9.45 1.51
CA GLU A 111 15.67 10.18 1.59
C GLU A 111 16.78 9.60 0.71
N ARG A 112 17.06 8.30 0.87
CA ARG A 112 18.06 7.53 0.17
C ARG A 112 18.07 7.64 -1.35
N LEU A 113 16.90 7.60 -1.96
CA LEU A 113 16.77 7.73 -3.37
C LEU A 113 16.56 9.20 -3.70
N ASP A 114 16.37 10.08 -2.72
CA ASP A 114 16.13 11.49 -2.99
C ASP A 114 15.05 11.76 -4.02
N LEU A 115 13.86 11.20 -3.79
CA LEU A 115 12.70 11.30 -4.66
C LEU A 115 12.02 12.63 -4.52
N ARG A 116 11.67 13.28 -5.62
CA ARG A 116 10.99 14.54 -5.57
C ARG A 116 9.89 14.47 -6.62
N ASN A 117 9.04 15.50 -6.69
CA ASN A 117 7.92 15.54 -7.61
C ASN A 117 7.12 14.24 -7.54
N ILE A 118 6.89 13.78 -6.31
CA ILE A 118 6.14 12.55 -6.05
C ILE A 118 4.63 12.62 -6.11
N THR A 119 4.17 11.68 -6.92
CA THR A 119 2.76 11.33 -7.04
C THR A 119 2.62 10.07 -6.21
N LEU A 120 1.97 10.23 -5.09
CA LEU A 120 1.76 9.16 -4.12
C LEU A 120 0.63 8.28 -4.56
N VAL A 121 0.84 6.97 -4.69
CA VAL A 121 -0.18 6.01 -5.14
C VAL A 121 -0.45 5.05 -4.02
N VAL A 122 -1.56 5.19 -3.31
CA VAL A 122 -1.84 4.35 -2.16
C VAL A 122 -3.15 3.59 -2.11
N GLN A 123 -3.12 2.60 -1.25
CA GLN A 123 -4.26 1.75 -1.01
C GLN A 123 -4.03 0.92 0.25
N ASP A 124 -5.04 0.69 1.09
CA ASP A 124 -4.88 -0.13 2.29
C ASP A 124 -3.75 0.36 3.10
N TRP A 125 -2.97 -0.56 3.61
CA TRP A 125 -1.85 -0.21 4.43
C TRP A 125 -0.91 0.72 3.73
N GLY A 126 -0.88 0.67 2.42
CA GLY A 126 0.01 1.57 1.78
C GLY A 126 -0.55 2.97 2.03
N GLY A 127 -1.88 3.12 2.20
CA GLY A 127 -2.39 4.47 2.44
C GLY A 127 -2.34 4.80 3.92
N PHE A 128 -2.65 3.83 4.81
CA PHE A 128 -2.60 4.15 6.23
C PHE A 128 -1.28 4.80 6.61
N LEU A 129 -0.19 4.29 6.04
CA LEU A 129 1.18 4.72 6.21
C LEU A 129 1.49 5.89 5.36
N GLY A 130 1.22 5.76 4.08
CA GLY A 130 1.51 6.77 3.10
C GLY A 130 0.91 8.16 3.22
N LEU A 131 -0.33 8.21 3.76
CA LEU A 131 -1.07 9.48 3.93
C LEU A 131 -0.41 10.26 5.04
N THR A 132 0.50 9.64 5.80
CA THR A 132 1.18 10.34 6.89
C THR A 132 2.61 10.79 6.56
N LEU A 133 3.01 10.64 5.29
CA LEU A 133 4.32 11.03 4.82
C LEU A 133 4.40 12.47 4.30
N PRO A 134 3.48 13.00 3.52
CA PRO A 134 3.65 14.36 3.08
C PRO A 134 3.90 15.38 4.17
N MET A 135 3.23 15.36 5.32
CA MET A 135 3.48 16.34 6.40
C MET A 135 4.91 16.28 6.93
N ALA A 136 5.69 15.27 6.58
CA ALA A 136 7.06 15.27 7.10
C ALA A 136 8.09 15.96 6.18
N ASP A 137 7.64 16.37 5.04
CA ASP A 137 8.49 17.00 4.02
C ASP A 137 7.59 17.23 2.85
N PRO A 138 6.77 18.27 2.96
CA PRO A 138 5.81 18.60 1.94
C PRO A 138 6.30 18.97 0.59
N SER A 139 7.49 19.55 0.51
CA SER A 139 8.10 20.01 -0.73
C SER A 139 8.34 18.85 -1.67
N ARG A 140 8.50 17.63 -1.15
CA ARG A 140 8.68 16.50 -2.05
C ARG A 140 7.43 15.91 -2.64
N PHE A 141 6.22 16.26 -2.27
CA PHE A 141 4.99 15.66 -2.74
C PHE A 141 4.22 16.62 -3.61
N LYS A 142 3.67 16.15 -4.69
CA LYS A 142 2.94 17.02 -5.58
C LYS A 142 1.56 16.52 -5.98
N ARG A 143 1.34 15.21 -6.09
CA ARG A 143 0.07 14.68 -6.44
C ARG A 143 -0.35 13.46 -5.63
N LEU A 144 -1.59 13.03 -5.62
CA LEU A 144 -1.97 11.86 -4.84
C LEU A 144 -2.97 11.05 -5.62
N ILE A 145 -2.81 9.74 -5.62
CA ILE A 145 -3.76 8.90 -6.27
C ILE A 145 -4.22 8.01 -5.14
N ILE A 146 -5.47 8.16 -4.72
CA ILE A 146 -6.00 7.37 -3.60
C ILE A 146 -7.07 6.36 -3.96
N MET A 147 -6.82 5.11 -3.60
CA MET A 147 -7.72 3.97 -3.80
C MET A 147 -8.04 3.49 -2.33
N ASN A 148 -9.15 2.83 -2.14
CA ASN A 148 -9.68 2.32 -0.82
C ASN A 148 -8.71 2.35 0.37
N ALA A 149 -8.70 3.40 1.18
CA ALA A 149 -7.81 3.48 2.34
C ALA A 149 -8.25 4.63 3.22
N CYS A 150 -7.65 4.91 4.39
CA CYS A 150 -8.11 6.05 5.19
C CYS A 150 -7.05 6.26 6.24
N LEU A 151 -7.35 7.01 7.28
CA LEU A 151 -6.29 7.14 8.29
C LEU A 151 -6.72 6.42 9.55
N MET A 152 -5.74 5.78 10.22
CA MET A 152 -5.97 5.04 11.45
C MET A 152 -5.97 5.96 12.67
N THR A 153 -6.94 6.85 12.67
CA THR A 153 -7.15 7.84 13.75
C THR A 153 -7.94 7.14 14.88
N ASP A 154 -8.30 7.87 15.95
CA ASP A 154 -9.07 7.26 17.07
C ASP A 154 -10.54 7.30 16.73
N PRO A 155 -11.35 6.42 17.32
CA PRO A 155 -12.75 6.29 17.00
C PRO A 155 -13.61 7.52 17.11
N VAL A 156 -13.24 8.45 17.97
CA VAL A 156 -13.97 9.69 18.21
C VAL A 156 -13.83 10.77 17.14
N THR A 157 -12.58 11.11 16.83
CA THR A 157 -12.28 12.12 15.83
C THR A 157 -12.86 11.71 14.48
N GLN A 158 -12.78 10.43 14.14
CA GLN A 158 -13.31 9.93 12.89
C GLN A 158 -13.92 8.56 13.06
N PRO A 159 -15.22 8.49 13.36
CA PRO A 159 -15.90 7.19 13.54
C PRO A 159 -15.95 6.36 12.27
N ALA A 160 -15.90 6.95 11.09
CA ALA A 160 -15.95 6.14 9.87
C ALA A 160 -14.71 5.24 9.71
N PHE A 161 -13.58 5.62 10.33
CA PHE A 161 -12.29 4.92 10.20
C PHE A 161 -11.99 3.86 11.25
N SER A 162 -13.04 3.66 12.07
CA SER A 162 -13.07 2.69 13.13
C SER A 162 -14.24 1.69 13.00
N ALA A 163 -15.36 2.18 12.55
CA ALA A 163 -16.60 1.39 12.49
C ALA A 163 -16.46 0.05 11.69
N PHE A 164 -15.76 0.09 10.56
CA PHE A 164 -15.63 -1.11 9.67
C PHE A 164 -14.99 -2.31 10.39
N VAL A 165 -14.27 -2.06 11.48
CA VAL A 165 -13.61 -3.11 12.23
C VAL A 165 -14.54 -4.16 12.83
N THR A 166 -15.65 -3.64 13.36
CA THR A 166 -16.72 -4.37 14.04
C THR A 166 -17.84 -4.74 13.07
N GLN A 167 -18.16 -3.96 12.04
CA GLN A 167 -19.23 -4.39 11.18
C GLN A 167 -18.96 -4.08 9.73
N PRO A 168 -19.43 -4.91 8.78
CA PRO A 168 -20.17 -6.13 9.06
C PRO A 168 -19.35 -7.37 9.43
N ALA A 169 -20.00 -8.48 9.84
CA ALA A 169 -19.30 -9.71 10.21
C ALA A 169 -18.55 -10.28 9.01
N ASP A 170 -19.03 -10.15 7.77
CA ASP A 170 -18.30 -10.67 6.62
C ASP A 170 -17.32 -9.65 6.01
N GLY A 171 -16.93 -8.60 6.76
CA GLY A 171 -16.07 -7.52 6.35
C GLY A 171 -14.72 -7.64 7.02
N PHE A 172 -14.26 -6.60 7.70
CA PHE A 172 -12.96 -6.71 8.33
C PHE A 172 -12.81 -7.89 9.28
N THR A 173 -13.90 -8.31 9.96
CA THR A 173 -13.89 -9.42 10.91
C THR A 173 -13.55 -10.74 10.26
N ALA A 174 -14.05 -10.93 9.05
CA ALA A 174 -13.83 -12.13 8.28
C ALA A 174 -12.41 -12.09 7.72
N TRP A 175 -12.03 -10.91 7.23
CA TRP A 175 -10.68 -10.75 6.68
C TRP A 175 -9.61 -11.12 7.70
N LYS A 176 -9.71 -10.47 8.86
CA LYS A 176 -8.80 -10.69 9.95
C LYS A 176 -8.80 -12.16 10.43
N TYR A 177 -9.99 -12.76 10.58
CA TYR A 177 -10.09 -14.14 11.01
C TYR A 177 -9.32 -15.05 10.03
N ASP A 178 -9.49 -14.75 8.75
CA ASP A 178 -8.85 -15.51 7.64
C ASP A 178 -7.31 -15.43 7.68
N LEU A 179 -6.82 -14.30 8.17
CA LEU A 179 -5.39 -13.98 8.16
C LEU A 179 -4.63 -14.42 9.42
N VAL A 180 -5.13 -14.07 10.58
CA VAL A 180 -4.40 -14.37 11.83
C VAL A 180 -4.78 -15.68 12.50
N THR A 181 -5.74 -16.42 11.98
CA THR A 181 -6.13 -17.62 12.72
C THR A 181 -5.60 -18.92 12.17
N PRO A 182 -5.52 -19.08 10.87
CA PRO A 182 -5.02 -20.37 10.46
C PRO A 182 -3.55 -20.55 10.76
N SER A 183 -3.27 -21.78 11.11
CA SER A 183 -1.90 -22.18 11.37
C SER A 183 -1.21 -22.53 10.05
N ASP A 184 -2.00 -22.79 9.02
CA ASP A 184 -1.55 -23.08 7.66
C ASP A 184 -2.26 -22.14 6.70
N LEU A 185 -1.78 -20.93 6.69
CA LEU A 185 -2.28 -19.83 5.89
C LEU A 185 -1.76 -19.97 4.48
N ARG A 186 -2.68 -20.08 3.53
CA ARG A 186 -2.30 -20.17 2.13
C ARG A 186 -2.79 -18.86 1.48
N LEU A 187 -1.84 -18.03 1.04
CA LEU A 187 -2.18 -16.67 0.53
C LEU A 187 -2.81 -16.69 -0.85
N ASP A 188 -2.61 -17.77 -1.60
CA ASP A 188 -3.18 -17.94 -2.92
C ASP A 188 -4.68 -18.14 -2.78
N GLN A 189 -5.15 -19.04 -1.89
CA GLN A 189 -6.56 -19.29 -1.59
C GLN A 189 -7.21 -18.06 -0.94
N PHE A 190 -6.55 -17.40 0.01
CA PHE A 190 -7.05 -16.20 0.61
C PHE A 190 -7.33 -15.15 -0.47
N MET A 191 -6.36 -14.95 -1.39
CA MET A 191 -6.47 -13.96 -2.47
C MET A 191 -7.61 -14.22 -3.45
N LYS A 192 -7.81 -15.50 -3.73
CA LYS A 192 -8.87 -15.92 -4.66
C LYS A 192 -10.25 -15.69 -4.10
N ARG A 193 -10.32 -15.53 -2.80
CA ARG A 193 -11.53 -15.27 -2.07
C ARG A 193 -11.84 -13.80 -2.02
N TRP A 194 -10.82 -13.02 -1.72
CA TRP A 194 -10.98 -11.57 -1.63
C TRP A 194 -10.81 -10.81 -2.95
N ALA A 195 -10.33 -11.49 -4.01
CA ALA A 195 -10.09 -10.96 -5.35
C ALA A 195 -10.51 -12.04 -6.33
N PRO A 196 -11.79 -12.33 -6.37
CA PRO A 196 -12.36 -13.37 -7.23
C PRO A 196 -11.99 -13.45 -8.71
N THR A 197 -11.48 -12.37 -9.32
CA THR A 197 -11.16 -12.37 -10.73
C THR A 197 -9.75 -12.78 -11.03
N LEU A 198 -8.91 -12.94 -10.02
CA LEU A 198 -7.53 -13.33 -10.20
C LEU A 198 -7.49 -14.65 -10.91
N THR A 199 -6.46 -14.98 -11.69
CA THR A 199 -6.42 -16.28 -12.31
C THR A 199 -5.62 -17.07 -11.30
N GLU A 200 -5.41 -18.30 -11.56
CA GLU A 200 -4.66 -19.13 -10.63
C GLU A 200 -3.21 -18.74 -10.60
N ALA A 201 -2.68 -18.23 -11.73
CA ALA A 201 -1.30 -17.83 -11.87
C ALA A 201 -0.99 -16.60 -11.02
N GLU A 202 -1.90 -15.62 -11.07
CA GLU A 202 -1.82 -14.40 -10.30
C GLU A 202 -1.89 -14.74 -8.80
N ALA A 203 -2.86 -15.60 -8.47
CA ALA A 203 -3.03 -16.02 -7.07
C ALA A 203 -1.77 -16.60 -6.47
N SER A 204 -1.12 -17.46 -7.21
CA SER A 204 0.11 -18.11 -6.72
C SER A 204 1.24 -17.09 -6.55
N ALA A 205 1.23 -16.04 -7.36
CA ALA A 205 2.25 -14.97 -7.28
C ALA A 205 2.14 -14.28 -5.91
N TYR A 206 0.96 -14.20 -5.28
CA TYR A 206 0.84 -13.59 -3.96
C TYR A 206 1.27 -14.53 -2.83
N ALA A 207 1.38 -15.82 -3.13
CA ALA A 207 1.83 -16.76 -2.12
C ALA A 207 3.31 -17.02 -2.36
N ALA A 208 3.84 -16.55 -3.47
CA ALA A 208 5.23 -16.80 -3.74
C ALA A 208 6.24 -16.43 -2.65
N PRO A 209 6.02 -15.27 -2.05
CA PRO A 209 6.93 -14.82 -1.04
C PRO A 209 7.02 -15.67 0.22
N PHE A 210 5.97 -16.42 0.57
CA PHE A 210 5.97 -17.19 1.82
C PHE A 210 5.94 -18.71 1.68
N PRO A 211 7.11 -19.33 1.70
CA PRO A 211 7.23 -20.76 1.56
C PRO A 211 6.56 -21.55 2.68
N ASP A 212 6.49 -20.97 3.86
CA ASP A 212 5.87 -21.53 5.05
C ASP A 212 5.65 -20.40 6.09
N THR A 213 4.87 -20.72 7.10
CA THR A 213 4.41 -19.76 8.13
C THR A 213 5.54 -18.93 8.79
N SER A 214 6.75 -19.44 8.81
CA SER A 214 7.87 -18.71 9.47
C SER A 214 8.14 -17.38 8.77
N TYR A 215 7.80 -17.38 7.47
CA TYR A 215 7.96 -16.19 6.68
C TYR A 215 6.81 -15.17 6.81
N GLN A 216 5.78 -15.47 7.58
CA GLN A 216 4.56 -14.62 7.57
C GLN A 216 4.27 -13.83 8.85
N ALA A 217 5.29 -13.42 9.57
CA ALA A 217 5.10 -12.64 10.82
C ALA A 217 4.50 -11.27 10.54
N GLY A 218 4.90 -10.67 9.43
CA GLY A 218 4.46 -9.36 9.03
C GLY A 218 3.06 -9.46 8.52
N VAL A 219 2.74 -10.56 7.88
CA VAL A 219 1.41 -10.79 7.35
C VAL A 219 0.42 -10.86 8.51
N ARG A 220 0.74 -11.56 9.59
CA ARG A 220 -0.07 -11.74 10.79
C ARG A 220 -0.27 -10.45 11.61
N LYS A 221 0.71 -9.58 11.57
CA LYS A 221 0.70 -8.37 12.42
C LYS A 221 -0.16 -7.19 11.88
N PHE A 222 -0.30 -7.06 10.57
CA PHE A 222 -1.02 -5.89 10.00
C PHE A 222 -2.45 -5.77 10.49
N PRO A 223 -3.17 -6.88 10.43
CA PRO A 223 -4.56 -6.89 10.83
C PRO A 223 -4.73 -6.50 12.27
N LYS A 224 -3.81 -6.99 13.08
CA LYS A 224 -3.81 -6.68 14.49
C LYS A 224 -3.49 -5.22 14.75
N MET A 225 -2.75 -4.53 13.91
CA MET A 225 -2.49 -3.16 14.21
C MET A 225 -3.69 -2.29 13.79
N VAL A 226 -4.63 -2.86 13.05
CA VAL A 226 -5.80 -2.10 12.58
C VAL A 226 -6.84 -2.00 13.69
N ALA A 227 -6.85 -3.17 14.37
CA ALA A 227 -7.71 -3.46 15.47
C ALA A 227 -7.22 -2.90 16.82
N GLN A 228 -5.90 -2.76 17.00
CA GLN A 228 -5.28 -2.28 18.20
C GLN A 228 -4.25 -1.21 17.90
N ARG A 229 -4.73 0.00 17.64
CA ARG A 229 -3.96 1.19 17.36
C ARG A 229 -3.13 1.69 18.57
N ASP A 230 -1.78 1.66 18.49
CA ASP A 230 -0.81 2.07 19.51
C ASP A 230 -0.88 3.58 19.47
N GLN A 231 -0.46 4.27 20.53
CA GLN A 231 -0.55 5.73 20.61
C GLN A 231 0.08 6.58 19.51
N ALA A 232 1.32 6.25 19.15
CA ALA A 232 2.03 6.96 18.11
C ALA A 232 1.31 7.02 16.79
N CYS A 233 0.62 5.92 16.44
CA CYS A 233 -0.19 5.78 15.22
C CYS A 233 -1.38 6.70 15.19
N ILE A 234 -2.00 6.81 16.37
CA ILE A 234 -3.19 7.66 16.52
C ILE A 234 -2.82 9.14 16.42
N ASP A 235 -1.74 9.50 17.16
CA ASP A 235 -1.24 10.86 17.12
C ASP A 235 -0.76 11.13 15.69
N ILE A 236 0.03 10.22 15.13
CA ILE A 236 0.49 10.47 13.75
C ILE A 236 -0.62 10.65 12.73
N SER A 237 -1.59 9.73 12.68
CA SER A 237 -2.70 9.79 11.73
C SER A 237 -3.60 10.97 12.04
N THR A 238 -3.72 11.41 13.28
CA THR A 238 -4.58 12.55 13.60
C THR A 238 -3.97 13.85 13.11
N GLU A 239 -2.66 13.96 13.24
CA GLU A 239 -2.02 15.16 12.75
C GLU A 239 -2.03 15.16 11.22
N ALA A 240 -2.08 14.00 10.55
CA ALA A 240 -2.17 14.04 9.10
C ALA A 240 -3.52 14.53 8.63
N ILE A 241 -4.58 14.39 9.43
CA ILE A 241 -5.89 14.83 8.95
C ILE A 241 -5.79 16.33 8.64
N SER A 242 -5.16 17.02 9.56
CA SER A 242 -4.92 18.45 9.59
C SER A 242 -4.16 18.93 8.35
N PHE A 243 -3.19 18.11 7.91
CA PHE A 243 -2.33 18.27 6.74
C PHE A 243 -3.16 18.20 5.47
N TRP A 244 -3.99 17.16 5.28
CA TRP A 244 -4.79 17.05 4.09
C TRP A 244 -5.88 18.11 4.06
N GLN A 245 -6.45 18.48 5.19
CA GLN A 245 -7.52 19.49 5.19
C GLN A 245 -7.01 20.94 4.97
N ASN A 246 -5.94 21.38 5.64
CA ASN A 246 -5.48 22.75 5.46
C ASN A 246 -4.17 23.01 4.68
N ASP A 247 -3.23 22.06 4.70
CA ASP A 247 -1.97 22.25 4.01
C ASP A 247 -1.81 21.73 2.59
N TRP A 248 -2.50 20.66 2.29
CA TRP A 248 -2.33 20.15 0.96
C TRP A 248 -2.87 21.06 -0.10
N ASN A 249 -2.07 21.31 -1.15
CA ASN A 249 -2.40 22.14 -2.30
C ASN A 249 -2.17 21.48 -3.65
N GLY A 250 -1.93 20.18 -3.60
CA GLY A 250 -1.66 19.36 -4.76
C GLY A 250 -2.89 18.91 -5.51
N GLN A 251 -2.66 18.14 -6.58
CA GLN A 251 -3.73 17.60 -7.39
C GLN A 251 -4.01 16.20 -6.83
N THR A 252 -5.25 15.84 -6.79
CA THR A 252 -5.64 14.54 -6.24
C THR A 252 -6.61 13.82 -7.16
N PHE A 253 -6.42 12.53 -7.24
CA PHE A 253 -7.32 11.68 -8.01
C PHE A 253 -7.75 10.52 -7.09
N MET A 254 -9.07 10.32 -6.92
CA MET A 254 -9.62 9.26 -6.07
C MET A 254 -10.40 8.21 -6.88
N ALA A 255 -10.18 6.93 -6.56
CA ALA A 255 -10.84 5.83 -7.23
C ALA A 255 -11.37 4.89 -6.17
N ILE A 256 -12.64 4.56 -6.16
CA ILE A 256 -13.21 3.66 -5.15
C ILE A 256 -13.66 2.31 -5.67
N GLY A 257 -13.26 1.21 -5.04
CA GLY A 257 -13.69 -0.13 -5.44
C GLY A 257 -15.02 -0.36 -4.67
N MET A 258 -16.11 -0.29 -5.42
CA MET A 258 -17.51 -0.31 -4.89
C MET A 258 -17.94 -1.59 -4.21
N LYS A 259 -17.31 -2.68 -4.56
CA LYS A 259 -17.68 -3.91 -3.90
C LYS A 259 -16.85 -4.13 -2.67
N ASP A 260 -16.12 -3.16 -2.15
CA ASP A 260 -15.30 -3.43 -0.98
C ASP A 260 -16.12 -3.38 0.29
N LYS A 261 -16.00 -4.45 1.08
CA LYS A 261 -16.65 -4.66 2.36
C LYS A 261 -15.98 -3.97 3.51
N LEU A 262 -14.67 -3.71 3.37
CA LEU A 262 -13.83 -3.09 4.36
C LEU A 262 -13.79 -1.54 4.24
N LEU A 263 -13.13 -1.05 3.18
CA LEU A 263 -12.91 0.41 2.99
C LEU A 263 -13.60 1.01 1.75
N GLY A 264 -14.87 0.68 1.59
CA GLY A 264 -15.67 1.15 0.45
C GLY A 264 -16.17 2.56 0.64
N PRO A 265 -17.29 2.86 -0.01
CA PRO A 265 -17.92 4.17 0.00
C PRO A 265 -18.21 4.78 1.36
N ASP A 266 -18.48 4.00 2.41
CA ASP A 266 -18.72 4.62 3.72
C ASP A 266 -17.51 5.16 4.47
N VAL A 267 -16.34 4.77 3.98
CA VAL A 267 -15.02 5.19 4.45
C VAL A 267 -14.42 6.20 3.44
N MET A 268 -14.64 6.10 2.11
CA MET A 268 -14.11 6.95 1.04
C MET A 268 -14.71 8.35 0.89
N TYR A 269 -16.04 8.41 1.06
CA TYR A 269 -16.71 9.69 0.99
C TYR A 269 -16.20 10.48 2.16
N PRO A 270 -16.05 9.92 3.35
CA PRO A 270 -15.54 10.78 4.38
C PRO A 270 -14.10 11.21 4.16
N MET A 271 -13.31 10.42 3.47
CA MET A 271 -11.93 10.76 3.26
C MET A 271 -11.88 11.94 2.30
N LYS A 272 -12.69 11.78 1.28
CA LYS A 272 -12.82 12.77 0.21
C LYS A 272 -13.09 14.15 0.82
N ALA A 273 -13.88 14.25 1.89
CA ALA A 273 -14.13 15.57 2.46
C ALA A 273 -12.93 16.20 3.14
N LEU A 274 -12.08 15.31 3.64
CA LEU A 274 -10.89 15.71 4.37
C LEU A 274 -9.70 16.16 3.57
N ILE A 275 -9.69 15.76 2.30
CA ILE A 275 -8.60 16.13 1.46
C ILE A 275 -8.97 17.35 0.66
N ASN A 276 -8.32 18.45 0.98
CA ASN A 276 -8.55 19.69 0.29
C ASN A 276 -8.39 19.51 -1.20
N GLY A 277 -9.36 19.97 -1.95
CA GLY A 277 -9.33 19.90 -3.41
C GLY A 277 -9.63 18.58 -4.08
N CYS A 278 -9.97 17.56 -3.32
CA CYS A 278 -10.26 16.25 -3.87
C CYS A 278 -11.50 16.38 -4.74
N PRO A 279 -11.43 15.89 -6.00
CA PRO A 279 -12.59 15.99 -6.88
C PRO A 279 -13.59 14.81 -6.82
N GLU A 280 -14.53 14.77 -7.75
CA GLU A 280 -15.50 13.70 -7.78
C GLU A 280 -14.74 12.39 -7.93
N PRO A 281 -15.08 11.33 -7.21
CA PRO A 281 -14.34 10.10 -7.37
C PRO A 281 -14.81 9.23 -8.50
N LEU A 282 -13.84 8.47 -9.01
CA LEU A 282 -14.14 7.52 -10.04
C LEU A 282 -14.59 6.23 -9.34
N GLU A 283 -15.87 5.87 -9.42
CA GLU A 283 -16.37 4.67 -8.81
C GLU A 283 -16.25 3.51 -9.76
N ILE A 284 -15.56 2.45 -9.35
CA ILE A 284 -15.40 1.29 -10.20
C ILE A 284 -16.30 0.16 -9.68
N ALA A 285 -17.42 -0.01 -10.34
CA ALA A 285 -18.49 -0.95 -9.92
C ALA A 285 -18.06 -2.41 -9.66
N ASP A 286 -17.16 -2.97 -10.48
CA ASP A 286 -16.78 -4.40 -10.36
C ASP A 286 -15.56 -4.66 -9.50
N ALA A 287 -14.99 -3.62 -8.94
CA ALA A 287 -13.81 -3.69 -8.11
C ALA A 287 -14.11 -3.91 -6.64
N GLY A 288 -13.27 -4.74 -6.00
CA GLY A 288 -13.33 -5.05 -4.62
C GLY A 288 -12.28 -4.19 -3.93
N HIS A 289 -11.65 -4.72 -2.86
CA HIS A 289 -10.65 -4.07 -2.05
C HIS A 289 -9.37 -3.79 -2.82
N PHE A 290 -8.96 -4.76 -3.61
CA PHE A 290 -7.77 -4.61 -4.41
C PHE A 290 -8.11 -3.92 -5.74
N VAL A 291 -8.36 -2.60 -5.75
CA VAL A 291 -8.71 -1.84 -6.94
C VAL A 291 -7.65 -1.95 -8.04
N GLN A 292 -6.42 -2.22 -7.61
CA GLN A 292 -5.28 -2.32 -8.50
C GLN A 292 -5.43 -3.43 -9.49
N GLU A 293 -6.33 -4.33 -9.12
CA GLU A 293 -6.58 -5.43 -10.03
C GLU A 293 -7.33 -4.93 -11.27
N PHE A 294 -7.83 -3.70 -11.24
CA PHE A 294 -8.53 -3.04 -12.33
C PHE A 294 -7.74 -1.72 -12.53
N GLY A 295 -6.42 -1.87 -12.44
CA GLY A 295 -5.44 -0.76 -12.39
C GLY A 295 -5.18 0.00 -13.71
N GLU A 296 -5.22 -0.68 -14.83
CA GLU A 296 -4.93 -0.01 -16.12
C GLU A 296 -5.86 1.18 -16.30
N GLN A 297 -7.10 1.01 -15.90
CA GLN A 297 -8.16 1.99 -16.02
C GLN A 297 -7.97 3.16 -15.09
N VAL A 298 -7.55 2.83 -13.87
CA VAL A 298 -7.31 3.81 -12.80
C VAL A 298 -6.09 4.64 -13.15
N ALA A 299 -5.05 3.95 -13.61
CA ALA A 299 -3.81 4.61 -14.04
C ALA A 299 -4.09 5.55 -15.22
N ARG A 300 -4.80 5.14 -16.29
CA ARG A 300 -5.11 5.99 -17.43
C ARG A 300 -5.97 7.21 -17.07
N GLU A 301 -7.01 6.97 -16.28
CA GLU A 301 -7.92 8.02 -15.88
C GLU A 301 -7.19 9.03 -15.03
N ALA A 302 -6.33 8.56 -14.13
CA ALA A 302 -5.64 9.53 -13.30
C ALA A 302 -4.72 10.42 -14.09
N LEU A 303 -3.93 9.86 -15.04
CA LEU A 303 -3.03 10.66 -15.85
C LEU A 303 -3.86 11.56 -16.76
N LYS A 304 -5.04 11.10 -17.13
CA LYS A 304 -5.92 11.91 -17.96
C LYS A 304 -6.41 13.12 -17.16
N HIS A 305 -6.73 12.95 -15.88
CA HIS A 305 -7.17 14.00 -14.95
C HIS A 305 -6.05 14.98 -14.64
N PHE A 306 -4.87 14.45 -14.37
CA PHE A 306 -3.75 15.30 -14.05
C PHE A 306 -3.23 16.13 -15.23
N ALA A 307 -3.51 15.67 -16.43
CA ALA A 307 -3.06 16.34 -17.67
C ALA A 307 -3.89 17.57 -17.94
N GLU A 308 -5.14 17.42 -17.69
CA GLU A 308 -6.07 18.49 -17.90
C GLU A 308 -5.84 19.53 -16.77
N THR A 309 -4.53 19.59 -16.38
CA THR A 309 -3.99 20.57 -15.37
C THR A 309 -2.44 20.58 -15.32
N GLU A 310 -1.84 21.06 -16.42
CA GLU A 310 -0.39 21.15 -16.62
C GLU A 310 -0.12 22.14 -17.75
I IOD B . -5.19 -5.25 7.42
#